data_4XCM
#
_entry.id   4XCM
#
_cell.length_a   71.600
_cell.length_b   71.600
_cell.length_c   197.790
_cell.angle_alpha   90.00
_cell.angle_beta   90.00
_cell.angle_gamma   120.00
#
_symmetry.space_group_name_H-M   'P 61'
#
loop_
_entity.id
_entity.type
_entity.pdbx_description
1 polymer 'Cell wall-binding endopeptidase-related protein'
2 water water
#
_entity_poly.entity_id   1
_entity_poly.type   'polypeptide(L)'
_entity_poly.pdbx_seq_one_letter_code
;AQATYTVAPGDTLYSIARRYGTTVEEL(MSE)RLNGLESFLLQPGQVLKLPSRERTHVVAPGDTLFSLARRYGTTVEAL
(MSE)RLNGLSSPEIKVGQVLRLPEEGEAPPPPPPEPEALDPESPLLRAVLRYLGVPYKYGANSPLALDCSAFVAQVYAE
LGVALPRTTKEQYQAFPPVEAPRPGDLVFFSFGGKEVDHVGIYLGRGVFAHASSYGSRVVIESLEAPFYRKVYRGARRV
(MSE)ASPEPPPAPSATP
;
_entity_poly.pdbx_strand_id   A,B
#
# COMPACT_ATOMS: atom_id res chain seq x y z
N ALA A 3 29.00 1.31 30.16
CA ALA A 3 28.43 1.50 31.49
C ALA A 3 27.17 2.33 31.43
N THR A 4 27.28 3.53 30.88
CA THR A 4 26.17 4.46 30.82
C THR A 4 25.90 4.96 29.40
N TYR A 5 24.64 5.23 29.10
CA TYR A 5 24.27 5.84 27.82
C TYR A 5 23.29 6.97 28.03
N THR A 6 23.49 8.07 27.31
CA THR A 6 22.58 9.20 27.38
C THR A 6 21.78 9.30 26.09
N VAL A 7 20.45 9.27 26.23
CA VAL A 7 19.55 9.24 25.07
C VAL A 7 19.62 10.50 24.21
N ALA A 8 19.92 10.29 22.93
CA ALA A 8 19.98 11.37 21.93
C ALA A 8 18.65 11.44 21.18
N PRO A 9 18.34 12.58 20.55
CA PRO A 9 17.03 12.71 19.89
C PRO A 9 16.84 11.71 18.76
N GLY A 10 15.76 10.94 18.83
CA GLY A 10 15.49 9.94 17.81
C GLY A 10 15.84 8.54 18.25
N ASP A 11 16.62 8.45 19.33
CA ASP A 11 16.97 7.16 19.91
C ASP A 11 15.72 6.40 20.33
N THR A 12 15.79 5.08 20.25
CA THR A 12 14.73 4.24 20.76
C THR A 12 15.36 3.14 21.60
N LEU A 13 14.55 2.45 22.39
CA LEU A 13 15.05 1.31 23.15
C LEU A 13 15.56 0.23 22.20
N TYR A 14 14.96 0.15 21.01
CA TYR A 14 15.41 -0.79 20.00
C TYR A 14 16.80 -0.43 19.48
N SER A 15 16.98 0.82 19.08
CA SER A 15 18.23 1.26 18.48
C SER A 15 19.38 1.18 19.47
N ILE A 16 19.11 1.50 20.73
CA ILE A 16 20.13 1.46 21.78
C ILE A 16 20.51 0.03 22.12
N ALA A 17 19.50 -0.82 22.29
CA ALA A 17 19.74 -2.23 22.60
C ALA A 17 20.52 -2.91 21.47
N ARG A 18 20.20 -2.58 20.24
CA ARG A 18 20.86 -3.17 19.09
C ARG A 18 22.30 -2.68 18.96
N ARG A 19 22.52 -1.40 19.24
CA ARG A 19 23.84 -0.81 19.15
C ARG A 19 24.83 -1.47 20.12
N TYR A 20 24.35 -1.79 21.31
CA TYR A 20 25.22 -2.35 22.35
C TYR A 20 25.02 -3.85 22.53
N GLY A 21 24.47 -4.51 21.52
CA GLY A 21 24.36 -5.95 21.50
C GLY A 21 23.58 -6.57 22.63
N THR A 22 22.49 -5.92 23.02
CA THR A 22 21.59 -6.48 24.03
C THR A 22 20.17 -6.44 23.49
N THR A 23 19.19 -6.58 24.38
CA THR A 23 17.79 -6.58 23.96
C THR A 23 17.01 -5.49 24.69
N VAL A 24 15.89 -5.10 24.09
CA VAL A 24 14.99 -4.11 24.69
C VAL A 24 14.59 -4.53 26.10
N GLU A 25 14.33 -5.83 26.27
CA GLU A 25 13.95 -6.37 27.56
C GLU A 25 15.01 -6.14 28.64
N GLU A 26 16.22 -6.64 28.38
CA GLU A 26 17.36 -6.47 29.28
C GLU A 26 17.54 -5.00 29.63
N LEU A 27 17.48 -4.15 28.61
CA LEU A 27 17.66 -2.72 28.77
C LEU A 27 16.56 -2.10 29.64
N ARG A 29 14.76 -3.97 31.92
CA ARG A 29 14.93 -4.61 33.22
C ARG A 29 16.01 -3.91 34.04
N LEU A 30 17.19 -3.77 33.43
CA LEU A 30 18.35 -3.21 34.11
C LEU A 30 18.17 -1.73 34.49
N ASN A 31 17.22 -1.07 33.83
CA ASN A 31 16.92 0.33 34.13
C ASN A 31 15.62 0.51 34.89
N GLY A 32 14.93 -0.58 35.16
CA GLY A 32 13.69 -0.55 35.92
C GLY A 32 12.59 0.21 35.20
N LEU A 33 12.71 0.29 33.89
CA LEU A 33 11.70 0.93 33.06
C LEU A 33 10.42 0.11 32.98
N GLU A 34 9.29 0.80 32.99
CA GLU A 34 7.98 0.16 32.89
C GLU A 34 7.27 0.62 31.63
N SER A 35 7.92 1.52 30.90
CA SER A 35 7.35 2.06 29.67
C SER A 35 8.43 2.38 28.64
N PHE A 36 8.06 2.39 27.37
CA PHE A 36 9.01 2.58 26.28
C PHE A 36 9.33 4.06 26.05
N LEU A 37 8.82 4.92 26.92
CA LEU A 37 8.98 6.36 26.77
C LEU A 37 10.41 6.79 27.06
N LEU A 38 10.96 7.65 26.20
CA LEU A 38 12.38 8.01 26.25
C LEU A 38 12.62 9.48 25.87
N GLN A 39 12.97 10.31 26.85
CA GLN A 39 13.26 11.73 26.60
C GLN A 39 14.77 11.95 26.48
N PRO A 40 15.18 12.92 25.67
CA PRO A 40 16.61 13.26 25.52
C PRO A 40 17.25 13.61 26.86
N GLY A 41 18.48 13.19 27.06
CA GLY A 41 19.18 13.45 28.31
C GLY A 41 18.94 12.37 29.35
N GLN A 42 18.03 11.45 29.06
CA GLN A 42 17.77 10.34 29.97
C GLN A 42 18.99 9.42 30.01
N VAL A 43 19.40 9.05 31.22
CA VAL A 43 20.56 8.19 31.38
C VAL A 43 20.16 6.74 31.62
N LEU A 44 20.58 5.87 30.71
CA LEU A 44 20.30 4.45 30.83
C LEU A 44 21.57 3.70 31.22
N LYS A 45 21.44 2.76 32.15
CA LYS A 45 22.53 1.86 32.45
C LYS A 45 22.57 0.79 31.38
N LEU A 46 23.76 0.29 31.07
CA LEU A 46 23.94 -0.73 30.05
C LEU A 46 24.48 -2.01 30.65
N PRO A 47 24.11 -3.15 30.07
CA PRO A 47 24.75 -4.43 30.45
C PRO A 47 26.23 -4.43 30.08
N PRO A 103 31.57 -1.15 19.43
CA PRO A 103 31.58 -1.90 18.17
C PRO A 103 30.23 -1.85 17.47
N PRO A 104 29.92 -0.69 16.85
CA PRO A 104 28.61 -0.47 16.21
C PRO A 104 28.41 -1.32 14.96
N PRO A 105 27.36 -2.16 14.96
CA PRO A 105 26.99 -2.97 13.78
C PRO A 105 26.55 -2.09 12.62
N PRO A 106 26.81 -2.53 11.38
CA PRO A 106 26.45 -1.79 10.16
C PRO A 106 24.95 -1.53 10.06
N GLU A 107 24.59 -0.38 9.49
CA GLU A 107 23.18 -0.01 9.34
C GLU A 107 22.66 -0.41 7.96
N PRO A 108 21.51 -1.11 7.93
CA PRO A 108 20.89 -1.50 6.67
C PRO A 108 20.40 -0.28 5.89
N GLU A 109 20.59 -0.29 4.58
CA GLU A 109 20.09 0.80 3.75
C GLU A 109 18.57 0.80 3.80
N ALA A 110 17.98 1.96 4.01
CA ALA A 110 16.53 2.05 4.15
C ALA A 110 15.99 3.34 3.57
N LEU A 111 14.82 3.25 2.95
CA LEU A 111 14.15 4.43 2.40
C LEU A 111 13.76 5.40 3.51
N ASP A 112 13.48 6.65 3.12
CA ASP A 112 13.03 7.65 4.06
C ASP A 112 11.52 7.83 3.88
N PRO A 113 10.77 7.94 5.00
CA PRO A 113 9.33 8.25 4.96
C PRO A 113 8.97 9.45 4.08
N GLU A 114 9.94 10.25 3.68
CA GLU A 114 9.71 11.37 2.77
C GLU A 114 10.39 11.14 1.41
N SER A 115 10.87 9.92 1.19
CA SER A 115 11.50 9.58 -0.08
C SER A 115 10.44 9.52 -1.19
N PRO A 116 10.80 9.95 -2.40
CA PRO A 116 9.87 9.91 -3.53
C PRO A 116 9.37 8.51 -3.84
N LEU A 117 10.24 7.51 -3.67
CA LEU A 117 9.86 6.13 -3.95
C LEU A 117 8.82 5.63 -2.94
N LEU A 118 9.09 5.85 -1.65
CA LEU A 118 8.17 5.41 -0.61
C LEU A 118 6.85 6.17 -0.67
N ARG A 119 6.91 7.48 -0.85
CA ARG A 119 5.71 8.31 -0.91
C ARG A 119 4.79 7.88 -2.04
N ALA A 120 5.37 7.44 -3.15
CA ALA A 120 4.60 6.93 -4.26
C ALA A 120 3.91 5.63 -3.89
N VAL A 121 4.67 4.74 -3.25
CA VAL A 121 4.13 3.47 -2.77
C VAL A 121 3.04 3.68 -1.72
N LEU A 122 3.24 4.67 -0.86
CA LEU A 122 2.30 4.96 0.23
C LEU A 122 0.96 5.49 -0.27
N ARG A 123 0.98 6.18 -1.41
CA ARG A 123 -0.25 6.68 -2.02
C ARG A 123 -1.19 5.54 -2.39
N TYR A 124 -0.61 4.41 -2.81
CA TYR A 124 -1.39 3.25 -3.23
C TYR A 124 -1.52 2.21 -2.13
N LEU A 125 -0.83 2.44 -1.01
CA LEU A 125 -0.84 1.49 0.11
C LEU A 125 -2.26 1.22 0.60
N GLY A 126 -2.70 -0.03 0.44
CA GLY A 126 -4.04 -0.41 0.86
C GLY A 126 -5.05 -0.21 -0.24
N VAL A 127 -4.63 0.40 -1.34
CA VAL A 127 -5.51 0.60 -2.47
C VAL A 127 -5.31 -0.52 -3.48
N PRO A 128 -6.42 -1.12 -3.95
CA PRO A 128 -6.32 -2.15 -5.00
C PRO A 128 -5.88 -1.53 -6.32
N TYR A 129 -4.85 -2.10 -6.94
CA TYR A 129 -4.41 -1.62 -8.24
C TYR A 129 -4.76 -2.61 -9.35
N LYS A 130 -5.92 -2.41 -9.96
CA LYS A 130 -6.32 -3.20 -11.10
C LYS A 130 -6.01 -2.46 -12.41
N TYR A 131 -5.24 -3.12 -13.27
CA TYR A 131 -4.81 -2.55 -14.55
C TYR A 131 -5.98 -2.33 -15.51
N GLY A 132 -6.77 -3.38 -15.73
CA GLY A 132 -7.88 -3.30 -16.66
C GLY A 132 -9.22 -3.61 -16.01
N ALA A 133 -10.22 -3.90 -16.84
CA ALA A 133 -11.54 -4.25 -16.37
C ALA A 133 -11.50 -5.52 -15.51
N ASN A 134 -11.14 -6.63 -16.13
CA ASN A 134 -11.00 -7.89 -15.42
C ASN A 134 -9.62 -8.48 -15.63
N SER A 135 -8.60 -7.69 -15.30
CA SER A 135 -7.21 -8.08 -15.50
C SER A 135 -6.71 -8.98 -14.39
N PRO A 136 -5.89 -9.98 -14.73
CA PRO A 136 -5.31 -10.90 -13.76
C PRO A 136 -4.23 -10.23 -12.90
N LEU A 137 -3.91 -10.84 -11.76
CA LEU A 137 -2.92 -10.30 -10.84
C LEU A 137 -1.55 -10.16 -11.48
N ALA A 138 -1.18 -11.12 -12.34
CA ALA A 138 0.09 -11.11 -13.04
C ALA A 138 0.26 -9.86 -13.91
N LEU A 139 -0.86 -9.20 -14.21
CA LEU A 139 -0.83 -7.98 -14.99
C LEU A 139 -0.86 -6.78 -14.06
N ASP A 140 -1.68 -6.89 -13.01
CA ASP A 140 -1.84 -5.84 -12.02
C ASP A 140 -0.55 -5.51 -11.27
N CYS A 141 0.20 -6.54 -10.92
CA CYS A 141 1.41 -6.37 -10.13
C CYS A 141 2.50 -5.60 -10.88
N SER A 142 2.64 -5.88 -12.17
CA SER A 142 3.65 -5.20 -12.97
C SER A 142 3.17 -3.84 -13.47
N ALA A 143 1.86 -3.64 -13.43
CA ALA A 143 1.29 -2.35 -13.81
C ALA A 143 1.37 -1.39 -12.64
N PHE A 144 1.31 -1.94 -11.43
CA PHE A 144 1.50 -1.13 -10.22
C PHE A 144 2.94 -0.65 -10.11
N VAL A 145 3.87 -1.56 -10.42
CA VAL A 145 5.29 -1.24 -10.36
C VAL A 145 5.65 -0.15 -11.38
N ALA A 146 5.07 -0.24 -12.57
CA ALA A 146 5.30 0.75 -13.61
C ALA A 146 4.72 2.09 -13.21
N GLN A 147 3.55 2.07 -12.58
CA GLN A 147 2.85 3.29 -12.17
C GLN A 147 3.64 4.09 -11.14
N VAL A 148 4.16 3.39 -10.13
CA VAL A 148 5.00 4.02 -9.12
C VAL A 148 6.20 4.70 -9.76
N TYR A 149 6.95 3.94 -10.55
CA TYR A 149 8.16 4.45 -11.19
C TYR A 149 7.87 5.57 -12.19
N ALA A 150 6.65 5.58 -12.72
CA ALA A 150 6.22 6.66 -13.59
C ALA A 150 6.20 7.99 -12.85
N GLU A 151 5.88 7.93 -11.56
CA GLU A 151 5.83 9.15 -10.73
C GLU A 151 7.22 9.67 -10.41
N LEU A 152 8.24 8.96 -10.88
CA LEU A 152 9.63 9.29 -10.60
C LEU A 152 10.39 9.62 -11.88
N GLY A 153 9.71 9.46 -13.01
CA GLY A 153 10.29 9.77 -14.31
C GLY A 153 10.95 8.57 -14.96
N VAL A 154 10.77 7.39 -14.38
CA VAL A 154 11.35 6.17 -14.92
C VAL A 154 10.30 5.37 -15.69
N ALA A 155 10.47 5.28 -17.00
CA ALA A 155 9.60 4.46 -17.83
C ALA A 155 9.92 2.99 -17.61
N LEU A 156 8.89 2.16 -17.54
CA LEU A 156 9.05 0.73 -17.33
C LEU A 156 8.10 -0.06 -18.24
N PRO A 157 8.56 -1.22 -18.73
CA PRO A 157 7.72 -2.09 -19.55
C PRO A 157 6.49 -2.56 -18.79
N ARG A 158 5.40 -2.82 -19.52
CA ARG A 158 4.15 -3.24 -18.90
C ARG A 158 4.26 -4.55 -18.14
N THR A 159 4.58 -5.61 -18.87
CA THR A 159 4.49 -6.97 -18.36
C THR A 159 5.66 -7.39 -17.47
N THR A 160 5.36 -8.25 -16.49
CA THR A 160 6.36 -8.78 -15.57
C THR A 160 7.53 -9.43 -16.32
N LYS A 161 7.20 -10.17 -17.37
CA LYS A 161 8.21 -10.86 -18.18
C LYS A 161 9.23 -9.89 -18.79
N GLU A 162 8.73 -8.87 -19.47
CA GLU A 162 9.58 -7.84 -20.08
C GLU A 162 10.46 -7.17 -19.03
N GLN A 163 9.84 -6.81 -17.90
CA GLN A 163 10.55 -6.19 -16.79
C GLN A 163 11.69 -7.07 -16.30
N TYR A 164 11.46 -8.38 -16.29
CA TYR A 164 12.45 -9.35 -15.86
C TYR A 164 13.62 -9.45 -16.83
N GLN A 165 13.31 -9.41 -18.13
CA GLN A 165 14.33 -9.63 -19.16
C GLN A 165 15.07 -8.35 -19.56
N ALA A 166 14.42 -7.21 -19.41
CA ALA A 166 14.96 -5.95 -19.93
C ALA A 166 16.05 -5.35 -19.06
N PHE A 167 16.12 -5.75 -17.79
CA PHE A 167 17.02 -5.11 -16.84
C PHE A 167 18.15 -6.03 -16.36
N PRO A 168 19.29 -5.44 -15.96
CA PRO A 168 20.45 -6.23 -15.51
C PRO A 168 20.25 -6.78 -14.09
N PRO A 169 20.64 -8.04 -13.89
CA PRO A 169 20.48 -8.75 -12.61
C PRO A 169 21.38 -8.21 -11.50
N VAL A 170 20.80 -7.98 -10.33
CA VAL A 170 21.56 -7.62 -9.14
C VAL A 170 21.40 -8.74 -8.11
N GLU A 171 22.51 -9.30 -7.65
CA GLU A 171 22.49 -10.45 -6.76
C GLU A 171 21.83 -10.14 -5.42
N ALA A 172 22.32 -9.12 -4.75
CA ALA A 172 21.72 -8.67 -3.50
C ALA A 172 21.08 -7.31 -3.72
N PRO A 173 19.74 -7.27 -3.71
CA PRO A 173 18.99 -6.06 -4.07
C PRO A 173 19.14 -4.97 -3.03
N ARG A 174 19.04 -3.71 -3.47
CA ARG A 174 19.04 -2.57 -2.57
C ARG A 174 17.78 -1.75 -2.84
N PRO A 175 17.41 -0.87 -1.88
CA PRO A 175 16.19 -0.05 -2.01
C PRO A 175 16.00 0.58 -3.39
N GLY A 176 14.98 0.11 -4.11
CA GLY A 176 14.69 0.62 -5.44
C GLY A 176 14.65 -0.47 -6.49
N ASP A 177 15.32 -1.58 -6.22
CA ASP A 177 15.38 -2.69 -7.16
C ASP A 177 14.04 -3.42 -7.24
N LEU A 178 13.82 -4.12 -8.36
CA LEU A 178 12.61 -4.92 -8.53
C LEU A 178 12.89 -6.35 -8.14
N VAL A 179 12.01 -6.94 -7.34
CA VAL A 179 12.11 -8.35 -7.00
C VAL A 179 11.02 -9.15 -7.70
N PHE A 180 11.38 -10.33 -8.19
CA PHE A 180 10.46 -11.13 -9.01
C PHE A 180 10.19 -12.50 -8.37
N PHE A 181 8.99 -13.02 -8.60
CA PHE A 181 8.58 -14.29 -8.03
C PHE A 181 7.86 -15.17 -9.03
N SER A 182 7.66 -16.43 -8.67
CA SER A 182 6.86 -17.35 -9.49
C SER A 182 5.75 -17.93 -8.63
N PHE A 183 4.61 -17.24 -8.60
CA PHE A 183 3.50 -17.65 -7.76
C PHE A 183 2.90 -18.98 -8.21
N GLY A 184 2.68 -19.09 -9.52
CA GLY A 184 2.11 -20.31 -10.08
C GLY A 184 3.15 -21.39 -10.24
N GLY A 185 4.41 -21.04 -10.03
CA GLY A 185 5.50 -22.01 -10.12
C GLY A 185 6.07 -22.13 -11.52
N LYS A 186 5.20 -21.97 -12.51
CA LYS A 186 5.57 -22.16 -13.91
C LYS A 186 6.63 -21.17 -14.38
N GLU A 187 6.27 -19.89 -14.36
CA GLU A 187 7.13 -18.84 -14.89
C GLU A 187 7.19 -17.69 -13.90
N VAL A 188 8.14 -16.79 -14.09
CA VAL A 188 8.13 -15.53 -13.36
C VAL A 188 6.82 -14.82 -13.72
N ASP A 189 6.00 -14.54 -12.71
CA ASP A 189 4.65 -14.03 -12.96
C ASP A 189 4.22 -12.97 -11.96
N HIS A 190 5.14 -12.58 -11.08
CA HIS A 190 4.83 -11.57 -10.07
C HIS A 190 6.04 -10.70 -9.78
N VAL A 191 5.80 -9.42 -9.51
CA VAL A 191 6.88 -8.48 -9.28
C VAL A 191 6.54 -7.46 -8.20
N GLY A 192 7.56 -7.03 -7.46
CA GLY A 192 7.40 -6.01 -6.44
C GLY A 192 8.57 -5.06 -6.41
N ILE A 193 8.48 -4.03 -5.58
CA ILE A 193 9.56 -3.07 -5.41
C ILE A 193 10.22 -3.27 -4.06
N TYR A 194 11.50 -3.65 -4.07
CA TYR A 194 12.24 -3.81 -2.83
C TYR A 194 12.43 -2.48 -2.13
N LEU A 195 12.19 -2.45 -0.83
CA LEU A 195 12.24 -1.21 -0.07
C LEU A 195 13.43 -1.14 0.88
N GLY A 196 14.18 -2.23 0.96
CA GLY A 196 15.25 -2.34 1.94
C GLY A 196 14.76 -3.04 3.19
N ARG A 197 15.70 -3.47 4.04
CA ARG A 197 15.39 -4.22 5.25
C ARG A 197 14.53 -5.45 4.98
N GLY A 198 14.75 -6.09 3.83
CA GLY A 198 14.07 -7.34 3.52
C GLY A 198 12.57 -7.25 3.26
N VAL A 199 12.05 -6.04 3.02
CA VAL A 199 10.64 -5.90 2.66
C VAL A 199 10.42 -5.30 1.29
N PHE A 200 9.29 -5.64 0.67
CA PHE A 200 8.97 -5.17 -0.67
C PHE A 200 7.50 -4.80 -0.80
N ALA A 201 7.20 -3.90 -1.74
CA ALA A 201 5.83 -3.47 -1.98
C ALA A 201 5.31 -4.06 -3.29
N HIS A 202 4.08 -4.58 -3.26
CA HIS A 202 3.50 -5.24 -4.42
C HIS A 202 2.00 -5.28 -4.32
N ALA A 203 1.35 -5.47 -5.47
CA ALA A 203 -0.09 -5.71 -5.51
C ALA A 203 -0.33 -7.18 -5.16
N SER A 204 -1.11 -7.41 -4.11
CA SER A 204 -1.21 -8.75 -3.52
C SER A 204 -2.34 -9.59 -4.09
N SER A 205 -2.31 -10.89 -3.80
CA SER A 205 -3.34 -11.83 -4.23
C SER A 205 -4.71 -11.38 -3.75
N TYR A 206 -4.74 -10.75 -2.57
CA TYR A 206 -5.98 -10.29 -1.98
C TYR A 206 -6.44 -8.99 -2.63
N GLY A 207 -7.15 -9.13 -3.75
CA GLY A 207 -7.79 -8.01 -4.43
C GLY A 207 -6.86 -7.00 -5.06
N SER A 208 -5.62 -7.40 -5.31
CA SER A 208 -4.60 -6.52 -5.87
C SER A 208 -4.33 -5.29 -5.00
N ARG A 209 -4.68 -5.38 -3.72
CA ARG A 209 -4.39 -4.33 -2.76
C ARG A 209 -2.88 -4.23 -2.52
N VAL A 210 -2.37 -3.01 -2.51
CA VAL A 210 -0.94 -2.78 -2.31
C VAL A 210 -0.54 -3.00 -0.86
N VAL A 211 0.41 -3.91 -0.64
CA VAL A 211 0.91 -4.19 0.70
C VAL A 211 2.44 -4.25 0.74
N ILE A 212 2.99 -4.20 1.94
CA ILE A 212 4.43 -4.31 2.14
C ILE A 212 4.74 -5.54 2.99
N GLU A 213 5.46 -6.51 2.42
CA GLU A 213 5.69 -7.77 3.11
C GLU A 213 7.16 -8.19 3.11
N SER A 214 7.48 -9.19 3.91
CA SER A 214 8.88 -9.61 4.10
C SER A 214 9.36 -10.64 3.10
N LEU A 215 10.51 -10.36 2.48
CA LEU A 215 11.12 -11.26 1.50
C LEU A 215 11.62 -12.53 2.17
N GLU A 216 11.75 -12.48 3.48
CA GLU A 216 12.38 -13.56 4.22
C GLU A 216 11.30 -14.43 4.91
N ALA A 217 10.05 -14.23 4.51
CA ALA A 217 9.00 -15.18 4.82
C ALA A 217 9.29 -16.43 4.00
N PRO A 218 8.90 -17.61 4.51
CA PRO A 218 9.15 -18.91 3.85
C PRO A 218 8.53 -18.98 2.45
N PHE A 219 7.26 -18.60 2.31
CA PHE A 219 6.61 -18.56 0.98
C PHE A 219 7.42 -17.78 -0.05
N TYR A 220 7.84 -16.57 0.31
CA TYR A 220 8.53 -15.69 -0.63
C TYR A 220 9.95 -16.13 -0.93
N ARG A 221 10.63 -16.69 0.08
CA ARG A 221 11.95 -17.28 -0.10
C ARG A 221 11.87 -18.44 -1.10
N LYS A 222 10.75 -19.16 -1.08
CA LYS A 222 10.53 -20.25 -2.02
C LYS A 222 10.20 -19.76 -3.43
N VAL A 223 9.19 -18.91 -3.54
CA VAL A 223 8.75 -18.40 -4.84
C VAL A 223 9.69 -17.36 -5.44
N TYR A 224 10.73 -16.97 -4.70
CA TYR A 224 11.68 -15.97 -5.18
C TYR A 224 12.33 -16.33 -6.53
N ARG A 225 12.63 -15.32 -7.33
CA ARG A 225 13.18 -15.56 -8.67
C ARG A 225 14.27 -14.57 -9.06
N GLY A 226 14.63 -13.67 -8.14
CA GLY A 226 15.74 -12.77 -8.36
C GLY A 226 15.37 -11.29 -8.38
N ALA A 227 16.38 -10.44 -8.52
CA ALA A 227 16.17 -9.00 -8.53
C ALA A 227 16.78 -8.32 -9.76
N ARG A 228 16.23 -7.17 -10.13
CA ARG A 228 16.70 -6.40 -11.28
C ARG A 228 16.81 -4.91 -10.92
N ARG A 229 17.76 -4.22 -11.56
CA ARG A 229 18.02 -2.80 -11.30
C ARG A 229 17.39 -1.89 -12.36
N VAL A 230 16.77 -0.82 -11.92
CA VAL A 230 16.06 0.08 -12.84
C VAL A 230 16.37 1.56 -12.61
N ALA A 232 19.43 4.63 -10.50
CA ALA A 232 20.73 4.92 -9.89
C ALA A 232 20.61 6.06 -8.88
N ALA B 3 -13.98 12.62 -26.15
CA ALA B 3 -13.68 13.51 -25.04
C ALA B 3 -12.18 13.77 -24.94
N THR B 4 -11.80 14.75 -24.11
CA THR B 4 -10.42 15.20 -24.06
C THR B 4 -10.01 15.69 -22.67
N TYR B 5 -8.85 15.25 -22.21
CA TYR B 5 -8.27 15.76 -20.96
C TYR B 5 -6.81 16.16 -21.13
N THR B 6 -6.44 17.29 -20.54
CA THR B 6 -5.05 17.75 -20.57
C THR B 6 -4.37 17.50 -19.22
N VAL B 7 -3.20 16.88 -19.26
CA VAL B 7 -2.51 16.44 -18.05
C VAL B 7 -1.99 17.57 -17.18
N ALA B 8 -2.29 17.52 -15.89
CA ALA B 8 -1.77 18.48 -14.92
C ALA B 8 -0.57 17.87 -14.20
N PRO B 9 0.29 18.71 -13.61
CA PRO B 9 1.46 18.18 -12.89
C PRO B 9 1.06 17.35 -11.67
N GLY B 10 1.54 16.11 -11.62
CA GLY B 10 1.25 15.23 -10.50
C GLY B 10 0.11 14.28 -10.82
N ASP B 11 -0.42 14.36 -12.04
CA ASP B 11 -1.50 13.49 -12.46
C ASP B 11 -0.94 12.17 -12.97
N THR B 12 -1.68 11.10 -12.74
CA THR B 12 -1.23 9.77 -13.13
C THR B 12 -2.30 9.08 -13.96
N LEU B 13 -1.93 7.98 -14.62
CA LEU B 13 -2.90 7.17 -15.36
C LEU B 13 -4.00 6.70 -14.42
N TYR B 14 -3.61 6.24 -13.24
CA TYR B 14 -4.56 5.77 -12.24
C TYR B 14 -5.49 6.88 -11.78
N SER B 15 -4.91 8.03 -11.46
CA SER B 15 -5.69 9.17 -10.96
C SER B 15 -6.63 9.72 -12.03
N ILE B 16 -6.19 9.65 -13.28
CA ILE B 16 -7.00 10.12 -14.40
C ILE B 16 -8.09 9.11 -14.75
N ALA B 17 -7.74 7.83 -14.78
CA ALA B 17 -8.69 6.77 -15.05
C ALA B 17 -9.79 6.75 -14.01
N ARG B 18 -9.41 6.97 -12.76
CA ARG B 18 -10.36 6.98 -11.64
C ARG B 18 -11.37 8.11 -11.77
N ARG B 19 -10.88 9.30 -12.11
CA ARG B 19 -11.73 10.49 -12.23
C ARG B 19 -12.77 10.33 -13.32
N TYR B 20 -12.35 9.86 -14.49
CA TYR B 20 -13.26 9.74 -15.63
C TYR B 20 -13.85 8.33 -15.76
N GLY B 21 -13.90 7.61 -14.64
CA GLY B 21 -14.58 6.33 -14.55
C GLY B 21 -14.19 5.27 -15.56
N THR B 22 -12.89 5.05 -15.72
CA THR B 22 -12.41 4.04 -16.65
C THR B 22 -11.16 3.34 -16.11
N THR B 23 -10.59 2.45 -16.91
CA THR B 23 -9.43 1.68 -16.48
C THR B 23 -8.13 2.19 -17.10
N VAL B 24 -7.02 1.94 -16.42
CA VAL B 24 -5.69 2.30 -16.90
C VAL B 24 -5.38 1.62 -18.23
N GLU B 25 -5.83 0.38 -18.37
CA GLU B 25 -5.61 -0.42 -19.58
C GLU B 25 -6.21 0.22 -20.82
N GLU B 26 -7.53 0.43 -20.79
CA GLU B 26 -8.24 1.03 -21.91
C GLU B 26 -7.69 2.42 -22.20
N LEU B 27 -7.40 3.16 -21.14
CA LEU B 27 -6.88 4.52 -21.25
C LEU B 27 -5.57 4.55 -22.05
N ARG B 29 -4.53 1.90 -24.19
CA ARG B 29 -4.83 1.34 -25.50
C ARG B 29 -5.41 2.38 -26.45
N LEU B 30 -6.43 3.10 -25.97
CA LEU B 30 -7.12 4.11 -26.77
C LEU B 30 -6.18 5.22 -27.24
N ASN B 31 -5.13 5.49 -26.47
CA ASN B 31 -4.23 6.59 -26.76
C ASN B 31 -2.86 6.13 -27.26
N GLY B 32 -2.71 4.83 -27.46
CA GLY B 32 -1.46 4.26 -27.94
C GLY B 32 -0.27 4.60 -27.08
N LEU B 33 -0.42 4.48 -25.76
CA LEU B 33 0.67 4.77 -24.84
C LEU B 33 1.60 3.57 -24.71
N GLU B 34 2.90 3.84 -24.78
CA GLU B 34 3.91 2.79 -24.66
C GLU B 34 4.49 2.74 -23.26
N SER B 35 4.07 3.66 -22.41
CA SER B 35 4.53 3.72 -21.03
C SER B 35 3.55 4.47 -20.13
N PHE B 36 3.82 4.45 -18.83
CA PHE B 36 2.97 5.13 -17.86
C PHE B 36 3.41 6.58 -17.68
N LEU B 37 4.52 6.93 -18.32
CA LEU B 37 5.09 8.27 -18.21
C LEU B 37 4.19 9.34 -18.84
N LEU B 38 3.92 10.40 -18.08
CA LEU B 38 2.97 11.42 -18.47
C LEU B 38 3.48 12.84 -18.25
N GLN B 39 3.78 13.53 -19.35
CA GLN B 39 4.21 14.93 -19.28
C GLN B 39 3.01 15.86 -19.09
N PRO B 40 3.18 16.95 -18.31
CA PRO B 40 2.11 17.90 -18.04
C PRO B 40 1.64 18.71 -19.24
N GLY B 41 2.23 18.48 -20.41
CA GLY B 41 1.81 19.16 -21.62
C GLY B 41 0.94 18.25 -22.47
N GLN B 42 0.71 17.04 -21.97
CA GLN B 42 0.03 16.00 -22.73
C GLN B 42 -1.48 16.21 -22.84
N VAL B 43 -2.07 15.63 -23.88
CA VAL B 43 -3.51 15.68 -24.08
C VAL B 43 -4.04 14.26 -24.37
N LEU B 44 -4.70 13.68 -23.39
CA LEU B 44 -5.17 12.30 -23.50
C LEU B 44 -6.63 12.23 -23.96
N LYS B 45 -6.89 11.34 -24.91
CA LYS B 45 -8.25 11.12 -25.39
C LYS B 45 -9.02 10.25 -24.40
N LEU B 46 -10.15 10.75 -23.94
CA LEU B 46 -10.96 10.02 -22.97
C LEU B 46 -12.01 9.19 -23.70
N PRO B 47 -12.38 8.04 -23.13
CA PRO B 47 -13.39 7.18 -23.78
C PRO B 47 -14.77 7.84 -23.75
N SER B 48 -15.50 7.73 -24.85
CA SER B 48 -16.83 8.31 -24.96
C SER B 48 -17.90 7.23 -24.87
N ARG B 49 -18.89 7.45 -24.02
CA ARG B 49 -19.95 6.47 -23.80
C ARG B 49 -21.08 6.57 -24.82
N GLU B 50 -21.56 5.42 -25.29
CA GLU B 50 -22.64 5.36 -26.26
C GLU B 50 -23.99 5.51 -25.58
N ARG B 51 -24.76 6.51 -26.02
CA ARG B 51 -26.08 6.75 -25.46
C ARG B 51 -27.14 6.76 -26.55
N THR B 52 -28.17 5.94 -26.36
CA THR B 52 -29.30 5.92 -27.28
C THR B 52 -30.58 6.29 -26.56
N HIS B 53 -31.62 6.60 -27.33
CA HIS B 53 -32.92 6.93 -26.76
C HIS B 53 -34.03 6.47 -27.68
N VAL B 54 -34.90 5.60 -27.17
CA VAL B 54 -36.08 5.21 -27.91
C VAL B 54 -37.15 6.27 -27.74
N VAL B 55 -37.62 6.82 -28.86
CA VAL B 55 -38.57 7.93 -28.82
C VAL B 55 -39.92 7.54 -28.22
N ALA B 56 -40.21 8.12 -27.06
CA ALA B 56 -41.47 7.88 -26.36
C ALA B 56 -42.53 8.85 -26.86
N PRO B 57 -43.81 8.56 -26.61
CA PRO B 57 -44.89 9.51 -26.92
C PRO B 57 -44.66 10.89 -26.30
N GLY B 58 -44.89 11.93 -27.08
CA GLY B 58 -44.74 13.29 -26.59
C GLY B 58 -43.37 13.87 -26.89
N ASP B 59 -42.40 13.00 -27.14
CA ASP B 59 -41.03 13.43 -27.42
C ASP B 59 -40.91 14.11 -28.78
N THR B 60 -40.12 15.18 -28.81
CA THR B 60 -39.76 15.83 -30.06
C THR B 60 -38.26 16.04 -30.07
N LEU B 61 -37.73 16.44 -31.22
CA LEU B 61 -36.30 16.67 -31.36
C LEU B 61 -35.88 17.95 -30.64
N PHE B 62 -36.79 18.91 -30.53
CA PHE B 62 -36.51 20.14 -29.80
C PHE B 62 -36.50 19.87 -28.29
N SER B 63 -37.38 18.98 -27.85
CA SER B 63 -37.51 18.67 -26.43
C SER B 63 -36.38 17.75 -25.97
N LEU B 64 -36.00 16.80 -26.82
CA LEU B 64 -34.90 15.89 -26.51
C LEU B 64 -33.56 16.60 -26.57
N ALA B 65 -33.52 17.70 -27.32
CA ALA B 65 -32.28 18.46 -27.45
C ALA B 65 -31.90 19.14 -26.14
N ARG B 66 -32.89 19.68 -25.45
CA ARG B 66 -32.63 20.41 -24.21
C ARG B 66 -32.59 19.47 -23.00
N ARG B 67 -33.02 18.23 -23.21
CA ARG B 67 -33.04 17.25 -22.13
C ARG B 67 -31.65 16.65 -21.92
N TYR B 68 -30.90 16.50 -23.01
CA TYR B 68 -29.60 15.83 -22.97
C TYR B 68 -28.43 16.80 -23.16
N GLY B 69 -28.74 18.03 -23.56
CA GLY B 69 -27.71 19.04 -23.71
C GLY B 69 -27.14 19.12 -25.11
N THR B 70 -27.97 19.55 -26.05
CA THR B 70 -27.56 19.67 -27.44
C THR B 70 -28.59 20.48 -28.23
N THR B 71 -28.31 20.73 -29.50
CA THR B 71 -29.26 21.41 -30.35
C THR B 71 -30.05 20.42 -31.19
N VAL B 72 -31.08 20.92 -31.86
CA VAL B 72 -31.91 20.09 -32.72
C VAL B 72 -31.15 19.78 -34.00
N GLU B 73 -30.30 20.71 -34.40
CA GLU B 73 -29.45 20.53 -35.57
C GLU B 73 -28.39 19.47 -35.32
N ALA B 74 -27.75 19.54 -34.16
CA ALA B 74 -26.70 18.58 -33.80
C ALA B 74 -27.25 17.17 -33.68
N LEU B 75 -28.40 17.04 -33.03
CA LEU B 75 -29.05 15.76 -32.82
C LEU B 75 -29.57 15.19 -34.13
N ARG B 77 -27.86 15.62 -37.35
CA ARG B 77 -26.73 15.12 -38.12
C ARG B 77 -26.34 13.74 -37.62
N LEU B 78 -26.16 13.64 -36.31
CA LEU B 78 -25.74 12.40 -35.66
C LEU B 78 -26.62 11.21 -36.03
N ASN B 79 -27.89 11.47 -36.26
CA ASN B 79 -28.84 10.42 -36.63
C ASN B 79 -29.18 10.42 -38.12
N GLY B 80 -28.52 11.30 -38.88
CA GLY B 80 -28.69 11.36 -40.31
C GLY B 80 -30.11 11.67 -40.77
N LEU B 81 -30.69 12.70 -40.18
CA LEU B 81 -32.04 13.13 -40.54
C LEU B 81 -32.00 14.40 -41.38
N SER B 82 -33.09 14.66 -42.10
CA SER B 82 -33.19 15.88 -42.90
C SER B 82 -34.23 16.81 -42.31
N SER B 83 -35.19 16.22 -41.60
CA SER B 83 -36.25 16.98 -40.96
C SER B 83 -36.39 16.57 -39.50
N PRO B 84 -36.89 17.47 -38.64
CA PRO B 84 -37.10 17.14 -37.24
C PRO B 84 -38.31 16.23 -37.02
N GLU B 85 -38.28 15.04 -37.60
CA GLU B 85 -39.36 14.08 -37.44
C GLU B 85 -38.88 12.78 -36.78
N ILE B 86 -39.41 12.50 -35.59
CA ILE B 86 -39.12 11.25 -34.91
C ILE B 86 -40.42 10.54 -34.56
N LYS B 87 -40.46 9.23 -34.81
CA LYS B 87 -41.65 8.44 -34.55
C LYS B 87 -41.51 7.69 -33.24
N VAL B 88 -42.63 7.37 -32.62
CA VAL B 88 -42.63 6.59 -31.38
C VAL B 88 -42.04 5.21 -31.64
N GLY B 89 -40.97 4.88 -30.93
CA GLY B 89 -40.33 3.59 -31.07
C GLY B 89 -39.00 3.65 -31.82
N GLN B 90 -38.65 4.85 -32.29
CA GLN B 90 -37.41 5.05 -33.03
C GLN B 90 -36.22 5.19 -32.10
N VAL B 91 -35.08 4.65 -32.53
CA VAL B 91 -33.85 4.71 -31.74
C VAL B 91 -32.94 5.84 -32.22
N LEU B 92 -32.71 6.82 -31.35
CA LEU B 92 -31.86 7.96 -31.68
C LEU B 92 -30.54 7.91 -30.94
N ARG B 93 -29.43 8.01 -31.67
CA ARG B 93 -28.12 8.13 -31.04
C ARG B 93 -28.04 9.51 -30.39
N LEU B 94 -27.31 9.60 -29.29
CA LEU B 94 -27.14 10.88 -28.60
C LEU B 94 -25.65 11.16 -28.39
N PRO B 95 -25.24 12.43 -28.52
CA PRO B 95 -23.82 12.79 -28.43
C PRO B 95 -23.23 12.55 -27.05
N GLU B 96 -21.93 12.82 -26.91
CA GLU B 96 -21.19 12.56 -25.67
C GLU B 96 -21.18 11.07 -25.33
N PRO B 108 -12.17 8.55 -1.44
CA PRO B 108 -12.43 7.17 -1.01
C PRO B 108 -11.19 6.51 -0.41
N GLU B 109 -10.27 7.32 0.10
CA GLU B 109 -9.02 6.80 0.67
C GLU B 109 -8.79 7.33 2.08
N ALA B 110 -7.53 7.29 2.54
CA ALA B 110 -7.24 7.63 3.93
C ALA B 110 -5.80 8.06 4.24
N LEU B 111 -4.86 7.12 4.14
CA LEU B 111 -3.48 7.27 4.64
C LEU B 111 -2.81 8.61 4.36
N ASP B 112 -2.15 9.16 5.38
CA ASP B 112 -1.45 10.43 5.28
C ASP B 112 -0.01 10.28 5.76
N PRO B 113 0.94 10.24 4.82
CA PRO B 113 2.38 10.10 5.09
C PRO B 113 2.88 11.08 6.15
N GLU B 114 2.27 12.26 6.22
CA GLU B 114 2.62 13.26 7.23
C GLU B 114 1.77 13.08 8.48
N SER B 115 2.03 12.00 9.23
CA SER B 115 1.24 11.68 10.40
C SER B 115 2.07 11.06 11.51
N PRO B 116 1.93 11.58 12.75
CA PRO B 116 2.64 11.13 13.95
C PRO B 116 2.62 9.61 14.09
N LEU B 117 1.44 9.01 14.02
CA LEU B 117 1.29 7.57 14.12
C LEU B 117 2.02 6.85 12.98
N LEU B 118 1.83 7.34 11.76
CA LEU B 118 2.40 6.69 10.58
C LEU B 118 3.88 6.99 10.39
N ARG B 119 4.31 8.17 10.83
CA ARG B 119 5.73 8.49 10.83
C ARG B 119 6.48 7.48 11.68
N ALA B 120 5.91 7.19 12.85
CA ALA B 120 6.53 6.27 13.80
C ALA B 120 6.55 4.84 13.29
N VAL B 121 5.44 4.40 12.72
CA VAL B 121 5.32 3.05 12.17
C VAL B 121 6.33 2.82 11.04
N LEU B 122 6.37 3.74 10.08
CA LEU B 122 7.26 3.64 8.93
C LEU B 122 8.73 3.64 9.34
N ARG B 123 9.01 4.13 10.55
CA ARG B 123 10.37 4.12 11.07
C ARG B 123 10.89 2.70 11.27
N TYR B 124 9.98 1.75 11.39
CA TYR B 124 10.33 0.37 11.76
C TYR B 124 10.11 -0.65 10.64
N LEU B 125 9.78 -0.20 9.44
CA LEU B 125 9.52 -1.11 8.32
C LEU B 125 10.68 -2.07 8.08
N GLY B 126 10.39 -3.38 8.12
CA GLY B 126 11.39 -4.40 7.84
C GLY B 126 12.24 -4.79 9.03
N VAL B 127 12.13 -4.01 10.10
CA VAL B 127 12.89 -4.28 11.30
C VAL B 127 12.36 -5.50 12.06
N PRO B 128 13.24 -6.47 12.34
CA PRO B 128 12.83 -7.60 13.16
C PRO B 128 12.72 -7.20 14.63
N TYR B 129 11.52 -6.82 15.06
CA TYR B 129 11.36 -6.30 16.41
C TYR B 129 11.29 -7.41 17.45
N LYS B 130 12.46 -7.94 17.80
CA LYS B 130 12.55 -9.01 18.80
C LYS B 130 12.80 -8.41 20.19
N TYR B 131 11.76 -8.40 21.00
CA TYR B 131 11.78 -7.79 22.33
C TYR B 131 12.83 -8.39 23.26
N GLY B 132 13.09 -9.68 23.12
CA GLY B 132 14.05 -10.35 23.98
C GLY B 132 15.02 -11.24 23.24
N ALA B 133 15.88 -11.91 24.00
CA ALA B 133 16.83 -12.86 23.42
C ALA B 133 16.11 -14.10 22.93
N ASN B 134 15.11 -14.53 23.70
CA ASN B 134 14.26 -15.65 23.31
C ASN B 134 12.80 -15.35 23.65
N SER B 135 12.24 -14.36 22.95
CA SER B 135 10.87 -13.92 23.21
C SER B 135 9.90 -14.41 22.12
N PRO B 136 8.68 -14.80 22.54
CA PRO B 136 7.65 -15.29 21.63
C PRO B 136 7.05 -14.18 20.79
N LEU B 137 6.48 -14.53 19.64
CA LEU B 137 5.87 -13.57 18.74
C LEU B 137 4.72 -12.84 19.43
N ALA B 138 4.03 -13.55 20.32
CA ALA B 138 2.95 -12.99 21.11
C ALA B 138 3.42 -11.82 21.98
N LEU B 139 4.72 -11.80 22.27
CA LEU B 139 5.32 -10.72 23.05
C LEU B 139 5.93 -9.65 22.13
N ASP B 140 6.57 -10.12 21.07
CA ASP B 140 7.23 -9.24 20.10
C ASP B 140 6.28 -8.22 19.51
N CYS B 141 5.13 -8.70 19.05
CA CYS B 141 4.13 -7.86 18.37
C CYS B 141 3.60 -6.76 19.27
N SER B 142 3.42 -7.06 20.55
CA SER B 142 2.85 -6.09 21.47
C SER B 142 3.90 -5.11 21.99
N ALA B 143 5.14 -5.56 22.08
CA ALA B 143 6.25 -4.69 22.43
C ALA B 143 6.43 -3.66 21.32
N PHE B 144 6.30 -4.12 20.09
CA PHE B 144 6.38 -3.24 18.93
C PHE B 144 5.29 -2.17 18.98
N VAL B 145 4.06 -2.60 19.24
CA VAL B 145 2.93 -1.68 19.37
C VAL B 145 3.20 -0.64 20.45
N ALA B 146 3.69 -1.09 21.59
CA ALA B 146 4.05 -0.22 22.69
C ALA B 146 5.20 0.72 22.30
N GLN B 147 6.08 0.24 21.43
CA GLN B 147 7.22 1.02 20.98
C GLN B 147 6.79 2.21 20.11
N VAL B 148 5.88 1.95 19.18
CA VAL B 148 5.39 2.98 18.28
C VAL B 148 4.61 4.06 19.04
N TYR B 149 3.78 3.63 19.99
CA TYR B 149 2.98 4.56 20.77
C TYR B 149 3.80 5.33 21.79
N ALA B 150 4.97 4.82 22.11
CA ALA B 150 5.89 5.50 23.03
C ALA B 150 6.36 6.82 22.42
N GLU B 151 6.38 6.88 21.10
CA GLU B 151 6.84 8.06 20.39
C GLU B 151 5.66 9.00 20.15
N LEU B 152 4.50 8.60 20.65
CA LEU B 152 3.29 9.41 20.58
C LEU B 152 2.80 9.74 21.99
N GLY B 153 3.67 9.52 22.97
CA GLY B 153 3.39 9.88 24.35
C GLY B 153 2.27 9.10 25.01
N VAL B 154 2.12 7.83 24.64
CA VAL B 154 1.11 6.97 25.25
C VAL B 154 1.74 5.68 25.78
N ALA B 155 1.74 5.50 27.10
CA ALA B 155 2.35 4.34 27.73
C ALA B 155 1.43 3.12 27.72
N LEU B 156 1.79 2.12 26.92
CA LEU B 156 1.01 0.90 26.80
C LEU B 156 1.70 -0.23 27.56
N PRO B 157 0.94 -1.28 27.94
CA PRO B 157 1.55 -2.46 28.55
C PRO B 157 2.41 -3.23 27.55
N ARG B 158 3.19 -4.18 28.04
CA ARG B 158 4.11 -4.93 27.20
C ARG B 158 3.44 -6.03 26.39
N THR B 159 2.64 -6.84 27.08
CA THR B 159 2.10 -8.07 26.49
C THR B 159 0.83 -7.88 25.68
N THR B 160 0.56 -8.83 24.79
CA THR B 160 -0.66 -8.83 24.00
C THR B 160 -1.88 -8.97 24.89
N LYS B 161 -1.76 -9.88 25.86
CA LYS B 161 -2.86 -10.19 26.77
C LYS B 161 -3.30 -8.97 27.56
N GLU B 162 -2.34 -8.12 27.90
CA GLU B 162 -2.63 -6.92 28.68
C GLU B 162 -3.17 -5.79 27.81
N GLN B 163 -2.71 -5.72 26.56
CA GLN B 163 -3.23 -4.70 25.65
C GLN B 163 -4.66 -5.04 25.22
N TYR B 164 -4.98 -6.33 25.27
CA TYR B 164 -6.29 -6.81 24.85
C TYR B 164 -7.38 -6.44 25.85
N GLN B 165 -7.15 -6.75 27.12
CA GLN B 165 -8.20 -6.65 28.13
C GLN B 165 -8.10 -5.42 29.04
N ALA B 166 -7.36 -4.40 28.63
CA ALA B 166 -7.21 -3.21 29.45
C ALA B 166 -7.61 -1.92 28.73
N PHE B 167 -8.27 -2.06 27.59
CA PHE B 167 -8.67 -0.90 26.80
C PHE B 167 -10.05 -1.13 26.18
N PRO B 168 -10.83 -0.04 26.00
CA PRO B 168 -12.20 -0.15 25.49
C PRO B 168 -12.27 -0.86 24.15
N PRO B 169 -13.10 -1.92 24.06
CA PRO B 169 -13.33 -2.59 22.78
C PRO B 169 -14.08 -1.65 21.85
N VAL B 170 -13.87 -1.80 20.55
CA VAL B 170 -14.57 -0.97 19.58
C VAL B 170 -15.12 -1.85 18.46
N GLU B 171 -16.29 -1.48 17.96
CA GLU B 171 -16.98 -2.25 16.93
C GLU B 171 -16.11 -2.37 15.68
N ALA B 172 -15.92 -1.25 14.99
CA ALA B 172 -15.02 -1.19 13.85
C ALA B 172 -13.77 -0.43 14.25
N PRO B 173 -12.63 -0.72 13.60
CA PRO B 173 -11.42 0.04 13.93
C PRO B 173 -11.23 1.27 13.05
N ARG B 174 -10.74 2.33 13.67
CA ARG B 174 -10.32 3.53 12.95
C ARG B 174 -8.81 3.60 13.12
N PRO B 175 -8.10 4.33 12.23
CA PRO B 175 -6.63 4.40 12.29
C PRO B 175 -6.11 4.69 13.70
N GLY B 176 -5.17 3.87 14.17
CA GLY B 176 -4.60 4.03 15.49
C GLY B 176 -5.01 2.90 16.41
N ASP B 177 -6.27 2.47 16.29
CA ASP B 177 -6.80 1.38 17.08
C ASP B 177 -5.96 0.11 16.94
N LEU B 178 -5.89 -0.66 18.03
CA LEU B 178 -5.16 -1.92 18.00
C LEU B 178 -6.06 -3.04 17.50
N VAL B 179 -5.62 -3.76 16.48
CA VAL B 179 -6.36 -4.91 15.98
C VAL B 179 -5.76 -6.20 16.52
N PHE B 180 -6.63 -7.09 17.00
CA PHE B 180 -6.19 -8.31 17.63
C PHE B 180 -6.54 -9.57 16.84
N PHE B 181 -5.75 -10.61 17.04
CA PHE B 181 -5.95 -11.87 16.35
C PHE B 181 -5.63 -13.04 17.27
N SER B 182 -6.05 -14.22 16.89
CA SER B 182 -5.63 -15.45 17.57
C SER B 182 -4.99 -16.39 16.55
N PHE B 183 -3.67 -16.26 16.39
CA PHE B 183 -2.95 -17.11 15.46
C PHE B 183 -2.94 -18.53 15.99
N GLY B 184 -2.96 -18.67 17.31
CA GLY B 184 -2.88 -19.97 17.96
C GLY B 184 -4.20 -20.71 18.05
N GLY B 185 -5.26 -19.99 18.41
CA GLY B 185 -6.56 -20.62 18.59
C GLY B 185 -6.90 -20.77 20.06
N LYS B 186 -5.88 -21.01 20.87
CA LYS B 186 -6.04 -21.16 22.31
C LYS B 186 -6.52 -19.84 22.93
N GLU B 187 -5.83 -18.76 22.59
CA GLU B 187 -6.11 -17.45 23.16
C GLU B 187 -5.75 -16.36 22.16
N VAL B 188 -6.08 -15.11 22.50
CA VAL B 188 -5.62 -13.97 21.73
C VAL B 188 -4.12 -13.82 21.96
N ASP B 189 -3.33 -13.85 20.90
CA ASP B 189 -1.88 -13.90 21.02
C ASP B 189 -1.15 -13.06 19.96
N HIS B 190 -1.85 -12.08 19.38
CA HIS B 190 -1.23 -11.24 18.36
C HIS B 190 -1.95 -9.90 18.24
N VAL B 191 -1.19 -8.85 17.98
CA VAL B 191 -1.75 -7.50 17.91
C VAL B 191 -1.04 -6.67 16.85
N GLY B 192 -1.78 -5.78 16.20
CA GLY B 192 -1.22 -4.87 15.23
C GLY B 192 -1.80 -3.47 15.33
N ILE B 193 -1.26 -2.54 14.55
CA ILE B 193 -1.78 -1.19 14.50
C ILE B 193 -2.52 -0.95 13.18
N TYR B 194 -3.82 -0.73 13.28
CA TYR B 194 -4.62 -0.46 12.09
C TYR B 194 -4.31 0.94 11.55
N LEU B 195 -3.97 1.01 10.27
CA LEU B 195 -3.53 2.25 9.66
C LEU B 195 -4.63 2.91 8.86
N GLY B 196 -5.51 2.10 8.28
CA GLY B 196 -6.56 2.60 7.42
C GLY B 196 -6.52 1.83 6.11
N ARG B 197 -7.55 1.97 5.30
CA ARG B 197 -7.66 1.24 4.03
C ARG B 197 -7.57 -0.28 4.22
N GLY B 198 -7.92 -0.74 5.41
CA GLY B 198 -7.92 -2.17 5.69
C GLY B 198 -6.54 -2.80 5.71
N VAL B 199 -5.52 -2.01 6.05
CA VAL B 199 -4.18 -2.55 6.28
C VAL B 199 -3.68 -2.24 7.68
N PHE B 200 -2.84 -3.12 8.22
CA PHE B 200 -2.33 -2.94 9.58
C PHE B 200 -0.84 -3.22 9.67
N ALA B 201 -0.17 -2.50 10.56
CA ALA B 201 1.25 -2.69 10.80
C ALA B 201 1.47 -3.59 12.02
N HIS B 202 2.40 -4.53 11.89
CA HIS B 202 2.67 -5.48 12.96
C HIS B 202 3.99 -6.23 12.74
N ALA B 203 4.50 -6.81 13.82
CA ALA B 203 5.65 -7.71 13.73
C ALA B 203 5.18 -9.07 13.20
N SER B 204 5.66 -9.43 12.02
CA SER B 204 5.18 -10.64 11.33
C SER B 204 5.72 -11.94 11.95
N SER B 205 4.98 -13.03 11.77
CA SER B 205 5.34 -14.34 12.33
C SER B 205 6.66 -14.88 11.80
N TYR B 206 7.05 -14.45 10.61
CA TYR B 206 8.18 -15.05 9.89
C TYR B 206 9.56 -14.78 10.54
N GLY B 207 9.79 -13.55 10.99
CA GLY B 207 11.05 -13.18 11.64
C GLY B 207 10.91 -11.99 12.57
N SER B 208 9.69 -11.77 13.05
CA SER B 208 9.33 -10.56 13.81
C SER B 208 9.54 -9.25 13.03
N ARG B 209 9.76 -9.38 11.73
CA ARG B 209 9.87 -8.22 10.85
C ARG B 209 8.57 -7.42 10.84
N VAL B 210 8.70 -6.10 10.89
CA VAL B 210 7.52 -5.24 10.82
C VAL B 210 7.09 -5.09 9.36
N VAL B 211 5.84 -5.46 9.08
CA VAL B 211 5.29 -5.36 7.75
C VAL B 211 3.93 -4.68 7.81
N ILE B 212 3.35 -4.41 6.66
CA ILE B 212 2.02 -3.82 6.58
C ILE B 212 1.13 -4.67 5.68
N GLU B 213 0.26 -5.46 6.29
CA GLU B 213 -0.56 -6.41 5.55
C GLU B 213 -2.05 -6.06 5.53
N SER B 214 -2.78 -6.76 4.67
CA SER B 214 -4.20 -6.54 4.52
C SER B 214 -4.99 -7.22 5.63
N LEU B 215 -5.94 -6.49 6.21
CA LEU B 215 -6.82 -7.04 7.23
C LEU B 215 -7.86 -7.92 6.55
N GLU B 216 -7.98 -7.77 5.24
CA GLU B 216 -9.05 -8.37 4.48
C GLU B 216 -8.66 -9.71 3.87
N ALA B 217 -7.40 -10.12 4.06
CA ALA B 217 -6.95 -11.43 3.65
C ALA B 217 -7.72 -12.50 4.43
N PRO B 218 -8.04 -13.63 3.76
CA PRO B 218 -8.85 -14.71 4.35
C PRO B 218 -8.38 -15.17 5.73
N PHE B 219 -7.07 -15.33 5.90
CA PHE B 219 -6.54 -15.78 7.19
C PHE B 219 -6.81 -14.79 8.31
N TYR B 220 -6.49 -13.53 8.08
CA TYR B 220 -6.65 -12.51 9.12
C TYR B 220 -8.11 -12.20 9.40
N ARG B 221 -8.95 -12.34 8.38
CA ARG B 221 -10.38 -12.16 8.56
C ARG B 221 -10.93 -13.31 9.40
N LYS B 222 -10.22 -14.45 9.35
CA LYS B 222 -10.62 -15.65 10.07
C LYS B 222 -10.19 -15.64 11.53
N VAL B 223 -8.96 -15.23 11.80
CA VAL B 223 -8.43 -15.25 13.16
C VAL B 223 -8.62 -13.91 13.88
N TYR B 224 -9.32 -12.99 13.24
CA TYR B 224 -9.63 -11.69 13.82
C TYR B 224 -10.32 -11.84 15.18
N ARG B 225 -9.89 -11.04 16.15
CA ARG B 225 -10.46 -11.11 17.49
C ARG B 225 -10.94 -9.76 18.02
N GLY B 226 -11.05 -8.78 17.12
CA GLY B 226 -11.61 -7.48 17.47
C GLY B 226 -10.61 -6.35 17.54
N ALA B 227 -11.11 -5.14 17.79
CA ALA B 227 -10.25 -3.97 17.89
C ALA B 227 -10.42 -3.27 19.23
N ARG B 228 -9.36 -2.56 19.65
CA ARG B 228 -9.37 -1.84 20.91
C ARG B 228 -8.88 -0.41 20.71
N ARG B 229 -9.29 0.50 21.58
CA ARG B 229 -8.89 1.90 21.47
C ARG B 229 -8.04 2.34 22.65
N VAL B 230 -6.81 2.76 22.35
CA VAL B 230 -5.90 3.23 23.39
C VAL B 230 -5.74 4.74 23.30
#